data_2XS2
#
_entry.id   2XS2
#
_cell.length_a   38.100
_cell.length_b   52.060
_cell.length_c   60.490
_cell.angle_alpha   90.00
_cell.angle_beta   90.00
_cell.angle_gamma   90.00
#
_symmetry.space_group_name_H-M   'P 21 21 21'
#
loop_
_entity.id
_entity.type
_entity.pdbx_description
1 polymer 'DELETED IN AZOOSPERMIA-LIKE'
2 polymer "5'-R(*UP*UP*GP*UP*UP*CP*UP*U)-3'"
3 non-polymer 'ZINC ION'
4 water water
#
loop_
_entity_poly.entity_id
_entity_poly.type
_entity_poly.pdbx_seq_one_letter_code
_entity_poly.pdbx_strand_id
1 'polypeptide(L)'
;SLPEGKIMPNTVFVGGIDVRMDETEIRSFFARYGSVKEVKIITDRTGVSKGYGFVSFYNDVDVQKIVESQINFHGKKLKL
GPAIRKQNLSTYHVQPRPLIFN
;
A
2 'polyribonucleotide' UUGUUCUU B
#
# COMPACT_ATOMS: atom_id res chain seq x y z
N LEU A 2 -10.99 19.64 -9.79
CA LEU A 2 -9.61 20.10 -10.09
C LEU A 2 -8.62 19.33 -9.23
N PRO A 3 -7.73 18.54 -9.87
CA PRO A 3 -6.97 17.46 -9.22
C PRO A 3 -6.33 17.93 -7.91
N GLU A 4 -6.38 17.06 -6.91
CA GLU A 4 -5.92 17.45 -5.59
C GLU A 4 -4.95 16.44 -5.05
N GLY A 5 -4.13 16.82 -4.09
N GLY A 5 -4.17 16.95 -4.12
CA GLY A 5 -3.35 15.77 -3.45
CA GLY A 5 -3.26 16.13 -3.38
C GLY A 5 -1.99 15.45 -4.04
C GLY A 5 -1.85 16.14 -3.94
N LYS A 6 -0.99 15.58 -3.14
CA LYS A 6 0.39 15.46 -3.45
C LYS A 6 0.74 13.97 -3.57
N ILE A 7 1.63 13.66 -4.51
CA ILE A 7 2.16 12.29 -4.66
C ILE A 7 3.24 12.07 -3.64
N MET A 8 3.07 11.03 -2.82
CA MET A 8 3.98 10.74 -1.73
C MET A 8 5.17 9.91 -2.25
N PRO A 9 6.40 10.40 -2.08
CA PRO A 9 7.51 9.57 -2.58
C PRO A 9 7.67 8.26 -1.83
N ASN A 10 8.17 7.28 -2.56
CA ASN A 10 8.60 6.01 -1.97
C ASN A 10 7.48 5.34 -1.19
N THR A 11 6.24 5.50 -1.69
CA THR A 11 5.08 4.94 -1.03
C THR A 11 4.20 4.37 -2.13
N VAL A 12 3.55 3.23 -1.86
CA VAL A 12 2.67 2.56 -2.80
C VAL A 12 1.29 2.40 -2.16
N PHE A 13 0.24 2.82 -2.87
CA PHE A 13 -1.13 2.51 -2.47
C PHE A 13 -1.39 1.04 -2.79
N VAL A 14 -1.99 0.36 -1.81
CA VAL A 14 -2.35 -1.06 -1.95
C VAL A 14 -3.84 -1.19 -1.65
N GLY A 15 -4.62 -1.42 -2.70
CA GLY A 15 -6.06 -1.58 -2.53
C GLY A 15 -6.46 -3.01 -2.76
N GLY A 16 -7.73 -3.27 -2.52
CA GLY A 16 -8.24 -4.62 -2.66
C GLY A 16 -7.74 -5.56 -1.58
N ILE A 17 -7.43 -5.00 -0.40
CA ILE A 17 -7.00 -5.80 0.75
C ILE A 17 -8.25 -6.49 1.33
N ASP A 18 -8.24 -7.81 1.34
CA ASP A 18 -9.36 -8.68 1.65
C ASP A 18 -9.26 -9.04 3.12
N VAL A 19 -10.39 -9.41 3.75
CA VAL A 19 -10.33 -9.81 5.15
C VAL A 19 -9.46 -11.10 5.45
N ARG A 20 -9.28 -11.95 4.43
CA ARG A 20 -8.48 -13.17 4.57
C ARG A 20 -6.96 -12.88 4.54
N MET A 21 -6.59 -11.66 4.16
CA MET A 21 -5.20 -11.24 4.11
C MET A 21 -4.71 -10.66 5.43
N ASP A 22 -3.40 -10.46 5.56
CA ASP A 22 -2.76 -9.92 6.77
CA ASP A 22 -2.84 -9.80 6.73
C ASP A 22 -1.65 -8.91 6.42
N GLU A 23 -1.32 -8.02 7.34
CA GLU A 23 -0.26 -7.05 7.15
CA GLU A 23 -0.26 -7.06 7.11
C GLU A 23 1.09 -7.75 6.96
N THR A 24 1.32 -8.83 7.71
CA THR A 24 2.64 -9.47 7.68
C THR A 24 3.01 -10.00 6.30
N GLU A 25 2.07 -10.60 5.58
CA GLU A 25 2.43 -11.18 4.28
C GLU A 25 2.66 -10.05 3.29
N ILE A 26 1.98 -8.93 3.44
CA ILE A 26 2.22 -7.77 2.58
C ILE A 26 3.60 -7.20 2.87
N ARG A 27 3.92 -7.00 4.14
CA ARG A 27 5.23 -6.56 4.56
CA ARG A 27 5.27 -6.54 4.51
C ARG A 27 6.35 -7.45 3.97
N SER A 28 6.17 -8.76 4.11
CA SER A 28 7.23 -9.71 3.75
C SER A 28 7.42 -9.67 2.26
N PHE A 29 6.32 -9.50 1.50
CA PHE A 29 6.42 -9.45 0.05
C PHE A 29 7.15 -8.21 -0.42
N PHE A 30 6.77 -7.06 0.14
CA PHE A 30 7.31 -5.80 -0.35
C PHE A 30 8.77 -5.62 0.03
N ALA A 31 9.28 -6.43 0.94
CA ALA A 31 10.72 -6.42 1.25
C ALA A 31 11.57 -6.72 0.02
N ARG A 32 11.01 -7.34 -1.03
CA ARG A 32 11.80 -7.58 -2.26
C ARG A 32 12.27 -6.29 -2.90
N TYR A 33 11.58 -5.19 -2.59
CA TYR A 33 11.90 -3.86 -3.19
C TYR A 33 12.73 -2.96 -2.30
N GLY A 34 12.89 -3.32 -1.03
CA GLY A 34 13.60 -2.43 -0.14
C GLY A 34 13.29 -2.63 1.31
N SER A 35 13.72 -1.68 2.12
CA SER A 35 13.48 -1.75 3.58
C SER A 35 12.18 -1.07 3.87
N VAL A 36 11.17 -1.88 4.17
CA VAL A 36 9.82 -1.37 4.43
C VAL A 36 9.78 -0.55 5.72
N LYS A 37 9.30 0.68 5.60
CA LYS A 37 9.13 1.57 6.76
C LYS A 37 7.81 1.27 7.48
N GLU A 38 6.71 1.23 6.75
CA GLU A 38 5.40 1.03 7.30
C GLU A 38 4.50 0.29 6.30
N VAL A 39 3.68 -0.65 6.79
CA VAL A 39 2.48 -1.12 6.10
C VAL A 39 1.29 -0.61 6.89
N LYS A 40 0.59 0.37 6.36
CA LYS A 40 -0.43 1.11 7.13
C LYS A 40 -1.77 0.87 6.48
N ILE A 41 -2.62 0.09 7.13
CA ILE A 41 -3.98 -0.19 6.64
C ILE A 41 -4.92 0.89 7.18
N ILE A 42 -5.72 1.48 6.31
CA ILE A 42 -6.64 2.53 6.71
C ILE A 42 -7.93 1.93 7.30
N THR A 43 -8.31 2.44 8.49
CA THR A 43 -9.55 1.99 9.16
C THR A 43 -10.48 3.14 9.41
N ASP A 44 -11.76 2.84 9.62
CA ASP A 44 -12.69 3.88 10.09
C ASP A 44 -12.55 4.06 11.61
N ARG A 45 -13.38 4.94 12.16
CA ARG A 45 -13.19 5.33 13.56
C ARG A 45 -13.53 4.19 14.52
N THR A 46 -14.23 3.17 14.03
CA THR A 46 -14.56 2.01 14.84
C THR A 46 -13.56 0.88 14.60
N GLY A 47 -12.43 1.15 13.92
CA GLY A 47 -11.46 0.13 13.72
C GLY A 47 -11.73 -0.80 12.55
N VAL A 48 -12.77 -0.55 11.74
CA VAL A 48 -13.10 -1.41 10.60
C VAL A 48 -12.27 -1.02 9.38
N SER A 49 -11.55 -2.00 8.83
CA SER A 49 -10.71 -1.74 7.63
C SER A 49 -11.50 -1.16 6.46
N LYS A 50 -10.91 -0.19 5.79
CA LYS A 50 -11.47 0.30 4.56
C LYS A 50 -11.03 -0.50 3.36
N GLY A 51 -10.19 -1.51 3.57
CA GLY A 51 -9.79 -2.40 2.47
C GLY A 51 -8.63 -1.86 1.63
N TYR A 52 -7.90 -0.86 2.14
CA TYR A 52 -6.73 -0.38 1.41
C TYR A 52 -5.74 0.16 2.41
N GLY A 53 -4.50 0.32 1.93
CA GLY A 53 -3.43 0.80 2.81
C GLY A 53 -2.24 1.25 1.99
N PHE A 54 -1.14 1.54 2.69
CA PHE A 54 0.04 2.12 2.06
C PHE A 54 1.29 1.48 2.55
N VAL A 55 2.18 1.17 1.62
CA VAL A 55 3.50 0.59 1.96
C VAL A 55 4.54 1.65 1.66
N SER A 56 5.31 2.08 2.66
CA SER A 56 6.36 3.05 2.42
C SER A 56 7.72 2.43 2.68
N PHE A 57 8.75 3.06 2.11
CA PHE A 57 10.14 2.53 2.12
C PHE A 57 11.13 3.54 2.66
N TYR A 58 12.18 3.03 3.33
CA TYR A 58 13.30 3.87 3.71
C TYR A 58 14.16 4.22 2.53
N ASN A 59 14.34 3.27 1.63
CA ASN A 59 15.13 3.50 0.42
C ASN A 59 14.29 4.14 -0.70
N ASP A 60 14.95 4.73 -1.69
CA ASP A 60 14.27 5.13 -2.92
C ASP A 60 13.87 3.93 -3.73
N VAL A 61 12.59 3.87 -4.08
CA VAL A 61 12.06 2.84 -4.94
C VAL A 61 11.47 3.48 -6.19
N ASP A 62 11.35 2.68 -7.26
CA ASP A 62 10.66 3.17 -8.46
C ASP A 62 9.19 2.72 -8.30
N VAL A 63 8.34 3.63 -7.85
CA VAL A 63 6.95 3.33 -7.61
C VAL A 63 6.29 2.88 -8.91
N GLN A 64 6.60 3.56 -10.02
CA GLN A 64 6.01 3.21 -11.31
CA GLN A 64 6.02 3.19 -11.32
C GLN A 64 6.24 1.74 -11.64
N LYS A 65 7.46 1.24 -11.42
CA LYS A 65 7.73 -0.16 -11.64
C LYS A 65 7.02 -1.08 -10.64
N ILE A 66 7.03 -0.70 -9.35
CA ILE A 66 6.33 -1.53 -8.36
C ILE A 66 4.86 -1.75 -8.71
N VAL A 67 4.21 -0.66 -9.12
CA VAL A 67 2.76 -0.76 -9.37
C VAL A 67 2.41 -1.64 -10.57
N GLU A 68 3.40 -2.02 -11.38
CA GLU A 68 3.19 -2.99 -12.44
C GLU A 68 3.07 -4.42 -11.94
N SER A 69 3.48 -4.65 -10.69
CA SER A 69 3.55 -6.04 -10.19
C SER A 69 2.18 -6.70 -10.03
N GLN A 70 2.11 -7.99 -10.34
CA GLN A 70 0.91 -8.77 -10.13
C GLN A 70 1.12 -9.52 -8.83
N ILE A 71 0.50 -9.01 -7.77
CA ILE A 71 0.72 -9.56 -6.42
C ILE A 71 -0.64 -10.12 -5.96
N ASN A 72 -0.71 -11.43 -5.76
CA ASN A 72 -1.92 -12.07 -5.28
C ASN A 72 -1.75 -12.63 -3.87
N PHE A 73 -2.81 -12.48 -3.05
CA PHE A 73 -2.91 -13.17 -1.77
C PHE A 73 -4.35 -13.69 -1.62
N HIS A 74 -4.51 -14.92 -1.11
CA HIS A 74 -5.83 -15.44 -0.75
C HIS A 74 -6.84 -15.33 -1.87
N GLY A 75 -6.38 -15.62 -3.10
CA GLY A 75 -7.25 -15.63 -4.27
C GLY A 75 -7.63 -14.27 -4.86
N LYS A 76 -6.96 -13.20 -4.39
CA LYS A 76 -7.31 -11.85 -4.82
C LYS A 76 -6.04 -11.10 -5.25
N LYS A 77 -6.15 -10.28 -6.30
CA LYS A 77 -5.03 -9.52 -6.82
C LYS A 77 -5.05 -8.12 -6.21
N LEU A 78 -3.92 -7.71 -5.62
CA LEU A 78 -3.83 -6.38 -5.07
C LEU A 78 -3.92 -5.31 -6.14
N LYS A 79 -4.58 -4.23 -5.77
CA LYS A 79 -4.80 -3.10 -6.69
C LYS A 79 -3.82 -1.98 -6.35
N LEU A 80 -2.81 -1.78 -7.18
CA LEU A 80 -1.69 -0.94 -6.80
C LEU A 80 -1.78 0.42 -7.47
N GLY A 81 -1.21 1.44 -6.84
CA GLY A 81 -1.13 2.75 -7.53
C GLY A 81 -0.10 3.65 -6.83
N PRO A 82 0.25 4.78 -7.45
CA PRO A 82 1.01 5.80 -6.70
C PRO A 82 0.17 6.26 -5.51
N ALA A 83 0.85 6.68 -4.42
CA ALA A 83 0.14 7.12 -3.20
C ALA A 83 -0.07 8.61 -3.30
N ILE A 84 -1.30 9.05 -3.08
CA ILE A 84 -1.68 10.46 -3.14
C ILE A 84 -2.32 10.85 -1.79
N ARG A 85 -1.78 11.92 -1.18
CA ARG A 85 -2.29 12.43 0.10
CA ARG A 85 -2.28 12.44 0.10
C ARG A 85 -3.01 13.73 -0.15
N LYS A 86 -4.31 13.69 0.07
CA LYS A 86 -5.12 14.90 0.05
C LYS A 86 -5.02 15.62 1.43
N GLN A 87 -5.54 16.83 1.50
CA GLN A 87 -5.69 17.55 2.77
C GLN A 87 -6.45 16.74 3.82
N HIS A 93 -8.80 14.55 15.66
CA HIS A 93 -8.39 13.15 15.56
C HIS A 93 -9.38 12.30 14.79
N VAL A 94 -10.65 12.33 15.21
#